data_1WW4
#
_entry.id   1WW4
#
_cell.length_a   47.264
_cell.length_b   57.078
_cell.length_c   64.306
_cell.angle_alpha   89.98
_cell.angle_beta   111.73
_cell.angle_gamma   90.22
#
_symmetry.space_group_name_H-M   'P 1'
#
loop_
_entity.id
_entity.type
_entity.pdbx_description
1 polymer galectin
2 branched 'N-acetyl-alpha-neuraminic acid-(2-3)-beta-D-galactopyranose-(1-4)-beta-D-glucopyranose'
3 branched 'N-acetyl-alpha-neuraminic acid-(2-3)-alpha-D-galactopyranose-(1-4)-alpha-D-glucopyranose'
4 water water
#
_entity_poly.entity_id   1
_entity_poly.type   'polypeptide(L)'
_entity_poly.pdbx_seq_one_letter_code
;TTSAVNIYNISAGASVDLAAPVTTGDIVTFFSSALNLSAGAGSPNNTALNLLSENGAYLLHIAFRLQENVIVFNSRQPNA
PWLVEQRVSNVANQFIGSGGKAMVTVFDHGDKYQVVINEKTVIQYTKQISGTTSSLSYNSTEGTSIFSTVVEAVTYTGLA
;
_entity_poly.pdbx_strand_id   A,B,C,D
#
# COMPACT_ATOMS: atom_id res chain seq x y z
N THR A 1 26.42 2.50 6.04
CA THR A 1 26.32 2.31 7.51
C THR A 1 24.96 2.79 8.00
N THR A 2 24.06 3.01 7.04
CA THR A 2 22.70 3.47 7.32
C THR A 2 21.81 3.19 6.10
N SER A 3 21.71 1.91 5.77
CA SER A 3 20.95 1.42 4.63
C SER A 3 19.43 1.59 4.77
N ALA A 4 18.71 1.43 3.67
CA ALA A 4 17.26 1.60 3.69
C ALA A 4 16.52 0.50 2.91
N VAL A 5 15.32 0.19 3.39
CA VAL A 5 14.47 -0.82 2.78
C VAL A 5 13.21 -0.15 2.23
N ASN A 6 12.96 -0.31 0.94
CA ASN A 6 11.78 0.28 0.34
C ASN A 6 10.95 -0.81 -0.32
N ILE A 7 9.66 -0.77 -0.06
CA ILE A 7 8.72 -1.74 -0.58
C ILE A 7 7.76 -1.10 -1.59
N TYR A 8 7.66 -1.68 -2.77
CA TYR A 8 6.77 -1.17 -3.81
C TYR A 8 5.88 -2.28 -4.35
N ASN A 9 4.64 -1.94 -4.65
CA ASN A 9 3.71 -2.89 -5.26
C ASN A 9 3.59 -2.47 -6.72
N ILE A 10 4.04 -3.32 -7.64
CA ILE A 10 3.96 -2.96 -9.05
C ILE A 10 2.91 -3.74 -9.83
N SER A 11 1.88 -3.04 -10.31
CA SER A 11 0.85 -3.69 -11.11
C SER A 11 1.34 -3.83 -12.53
N ALA A 12 0.95 -4.94 -13.16
CA ALA A 12 1.31 -5.24 -14.55
C ALA A 12 0.96 -4.02 -15.40
N GLY A 13 1.89 -3.65 -16.28
CA GLY A 13 1.67 -2.49 -17.13
C GLY A 13 2.03 -1.19 -16.45
N ALA A 14 2.42 -1.26 -15.17
CA ALA A 14 2.78 -0.06 -14.43
C ALA A 14 4.29 0.21 -14.34
N SER A 15 4.61 1.40 -13.87
CA SER A 15 5.99 1.81 -13.72
C SER A 15 6.01 2.63 -12.43
N VAL A 16 6.91 2.32 -11.51
CA VAL A 16 6.97 3.09 -10.26
C VAL A 16 8.29 3.85 -10.15
N ASP A 17 8.24 5.03 -9.52
CA ASP A 17 9.45 5.81 -9.30
C ASP A 17 9.95 5.45 -7.91
N LEU A 18 11.20 5.00 -7.85
CA LEU A 18 11.78 4.60 -6.59
C LEU A 18 11.97 5.80 -5.69
N ALA A 19 11.66 5.63 -4.41
CA ALA A 19 11.83 6.69 -3.43
C ALA A 19 13.33 6.88 -3.17
N ALA A 20 14.09 5.85 -3.47
CA ALA A 20 15.54 5.88 -3.30
C ALA A 20 16.13 5.18 -4.52
N PRO A 21 17.06 5.84 -5.22
CA PRO A 21 17.65 5.19 -6.39
C PRO A 21 18.51 3.98 -6.07
N VAL A 22 18.56 3.05 -7.01
CA VAL A 22 19.34 1.85 -6.85
C VAL A 22 20.67 2.05 -7.57
N THR A 23 21.76 2.10 -6.80
CA THR A 23 23.08 2.30 -7.39
C THR A 23 24.01 1.12 -7.13
N THR A 24 25.28 1.28 -7.50
CA THR A 24 26.26 0.22 -7.33
C THR A 24 26.29 -0.32 -5.89
N GLY A 25 26.18 -1.63 -5.78
CA GLY A 25 26.19 -2.27 -4.48
C GLY A 25 24.80 -2.48 -3.91
N ASP A 26 23.79 -1.81 -4.48
CA ASP A 26 22.43 -1.96 -4.00
C ASP A 26 21.74 -3.19 -4.56
N ILE A 27 20.61 -3.53 -3.96
CA ILE A 27 19.88 -4.72 -4.38
C ILE A 27 18.41 -4.45 -4.69
N VAL A 28 17.87 -5.25 -5.59
CA VAL A 28 16.47 -5.14 -5.97
C VAL A 28 15.92 -6.54 -6.11
N THR A 29 14.86 -6.87 -5.39
CA THR A 29 14.25 -8.18 -5.53
C THR A 29 12.80 -8.04 -5.96
N PHE A 30 12.38 -8.96 -6.82
CA PHE A 30 11.03 -8.98 -7.34
C PHE A 30 10.32 -10.21 -6.80
N PHE A 31 9.17 -9.99 -6.19
CA PHE A 31 8.41 -11.09 -5.64
C PHE A 31 7.14 -11.35 -6.42
N SER A 32 6.98 -12.58 -6.89
CA SER A 32 5.77 -12.97 -7.60
C SER A 32 5.12 -14.05 -6.73
N SER A 33 3.81 -13.92 -6.51
CA SER A 33 3.11 -14.90 -5.70
C SER A 33 2.43 -15.94 -6.57
N ALA A 34 2.87 -16.04 -7.83
CA ALA A 34 2.32 -17.02 -8.76
C ALA A 34 3.39 -17.32 -9.80
N LEU A 35 3.28 -18.48 -10.44
CA LEU A 35 4.22 -18.90 -11.49
C LEU A 35 3.42 -19.72 -12.48
N ASN A 36 3.39 -19.26 -13.73
CA ASN A 36 2.61 -19.91 -14.79
C ASN A 36 3.48 -20.21 -15.99
N LEU A 37 4.07 -21.40 -16.02
CA LEU A 37 4.95 -21.79 -17.11
C LEU A 37 4.23 -22.31 -18.37
N SER A 38 2.91 -22.48 -18.28
CA SER A 38 2.11 -22.94 -19.41
C SER A 38 0.99 -21.91 -19.59
N ALA A 39 1.37 -20.64 -19.59
CA ALA A 39 0.42 -19.54 -19.70
C ALA A 39 -0.01 -19.22 -21.13
N GLY A 40 0.96 -19.10 -22.02
CA GLY A 40 0.64 -18.80 -23.41
C GLY A 40 1.80 -18.11 -24.10
N ALA A 41 1.50 -17.41 -25.19
CA ALA A 41 2.52 -16.72 -25.97
C ALA A 41 2.65 -15.23 -25.64
N GLY A 42 3.89 -14.74 -25.71
CA GLY A 42 4.18 -13.35 -25.44
C GLY A 42 4.31 -12.61 -26.76
N SER A 43 3.95 -11.33 -26.77
CA SER A 43 4.02 -10.55 -27.99
C SER A 43 5.19 -9.58 -28.06
N PRO A 44 6.43 -10.07 -27.98
CA PRO A 44 6.89 -11.46 -27.82
C PRO A 44 7.14 -11.83 -26.36
N ASN A 45 7.10 -10.83 -25.49
CA ASN A 45 7.37 -11.03 -24.07
C ASN A 45 6.15 -11.33 -23.21
N ASN A 46 6.19 -12.47 -22.51
CA ASN A 46 5.07 -12.83 -21.63
C ASN A 46 5.16 -11.91 -20.42
N THR A 47 6.39 -11.65 -19.98
CA THR A 47 6.65 -10.82 -18.81
C THR A 47 7.97 -10.12 -18.97
N ALA A 48 8.01 -8.85 -18.57
CA ALA A 48 9.23 -8.06 -18.66
C ALA A 48 9.41 -7.20 -17.41
N LEU A 49 10.60 -7.27 -16.83
CA LEU A 49 10.94 -6.47 -15.66
C LEU A 49 12.04 -5.53 -16.19
N ASN A 50 11.92 -4.23 -15.91
CA ASN A 50 12.92 -3.27 -16.38
C ASN A 50 13.41 -2.33 -15.28
N LEU A 51 14.70 -2.02 -15.34
CA LEU A 51 15.34 -1.09 -14.44
C LEU A 51 15.66 0.09 -15.36
N LEU A 52 15.05 1.23 -15.10
CA LEU A 52 15.21 2.41 -15.95
C LEU A 52 15.90 3.59 -15.30
N SER A 53 16.77 4.26 -16.06
CA SER A 53 17.49 5.44 -15.58
C SER A 53 16.54 6.62 -15.53
N GLU A 54 17.00 7.73 -14.97
CA GLU A 54 16.17 8.91 -14.86
C GLU A 54 15.90 9.53 -16.22
N ASN A 55 16.67 9.07 -17.22
CA ASN A 55 16.55 9.55 -18.58
C ASN A 55 15.63 8.67 -19.41
N GLY A 56 15.05 7.66 -18.78
CA GLY A 56 14.17 6.77 -19.50
C GLY A 56 14.92 5.62 -20.12
N ALA A 57 16.24 5.63 -20.00
CA ALA A 57 17.03 4.54 -20.58
C ALA A 57 16.63 3.21 -19.93
N TYR A 58 16.82 2.13 -20.66
CA TYR A 58 16.51 0.82 -20.11
C TYR A 58 17.80 0.22 -19.61
N LEU A 59 18.18 0.55 -18.38
CA LEU A 59 19.40 0.01 -17.78
C LEU A 59 19.41 -1.49 -17.98
N LEU A 60 18.34 -2.14 -17.55
CA LEU A 60 18.26 -3.58 -17.73
C LEU A 60 16.83 -3.98 -18.08
N HIS A 61 16.70 -4.73 -19.16
CA HIS A 61 15.41 -5.23 -19.63
C HIS A 61 15.51 -6.75 -19.48
N ILE A 62 14.53 -7.33 -18.77
CA ILE A 62 14.48 -8.77 -18.53
C ILE A 62 13.16 -9.26 -19.11
N ALA A 63 13.24 -10.15 -20.10
CA ALA A 63 12.02 -10.63 -20.75
C ALA A 63 11.90 -12.15 -20.84
N PHE A 64 10.79 -12.66 -20.33
CA PHE A 64 10.54 -14.09 -20.36
C PHE A 64 9.63 -14.36 -21.53
N ARG A 65 10.03 -15.31 -22.37
CA ARG A 65 9.27 -15.70 -23.55
C ARG A 65 9.00 -17.20 -23.56
N LEU A 66 7.81 -17.58 -23.11
CA LEU A 66 7.44 -18.97 -23.08
C LEU A 66 7.53 -19.64 -24.46
N GLN A 67 6.81 -19.08 -25.45
CA GLN A 67 6.81 -19.63 -26.81
C GLN A 67 8.22 -19.79 -27.39
N GLU A 68 9.13 -18.83 -27.12
CA GLU A 68 10.50 -18.94 -27.61
C GLU A 68 11.35 -19.63 -26.54
N ASN A 69 10.69 -20.06 -25.47
CA ASN A 69 11.35 -20.75 -24.35
C ASN A 69 12.73 -20.17 -24.07
N VAL A 70 12.77 -18.88 -23.75
CA VAL A 70 14.03 -18.19 -23.46
C VAL A 70 13.80 -16.96 -22.59
N ILE A 71 14.89 -16.42 -22.05
CA ILE A 71 14.85 -15.21 -21.24
C ILE A 71 15.84 -14.28 -21.91
N VAL A 72 15.44 -13.04 -22.15
CA VAL A 72 16.32 -12.08 -22.79
C VAL A 72 16.76 -10.96 -21.88
N PHE A 73 18.02 -10.58 -22.00
CA PHE A 73 18.58 -9.50 -21.23
C PHE A 73 19.16 -8.48 -22.23
N ASN A 74 18.73 -7.23 -22.12
CA ASN A 74 19.21 -6.20 -23.03
C ASN A 74 19.11 -4.84 -22.39
N SER A 75 19.44 -3.81 -23.17
CA SER A 75 19.41 -2.44 -22.70
C SER A 75 19.20 -1.52 -23.89
N ARG A 76 19.00 -0.23 -23.63
CA ARG A 76 18.82 0.76 -24.69
C ARG A 76 18.51 2.14 -24.16
N GLN A 77 19.04 3.16 -24.84
CA GLN A 77 18.81 4.53 -24.46
C GLN A 77 17.42 4.87 -24.99
N PRO A 78 16.80 5.94 -24.45
CA PRO A 78 15.46 6.36 -24.89
C PRO A 78 15.45 6.66 -26.39
N ASN A 79 14.34 6.34 -27.04
CA ASN A 79 14.19 6.59 -28.46
C ASN A 79 15.46 6.26 -29.22
N ALA A 80 15.95 5.04 -29.01
CA ALA A 80 17.15 4.50 -29.66
C ALA A 80 16.85 3.03 -29.85
N PRO A 81 17.59 2.36 -30.73
CA PRO A 81 17.35 0.93 -30.97
C PRO A 81 17.87 0.00 -29.86
N TRP A 82 17.29 -1.21 -29.80
CA TRP A 82 17.69 -2.21 -28.81
C TRP A 82 19.15 -2.57 -29.08
N LEU A 83 19.90 -2.85 -28.03
CA LEU A 83 21.32 -3.19 -28.16
C LEU A 83 21.63 -4.68 -28.23
N VAL A 84 22.85 -5.04 -27.83
CA VAL A 84 23.31 -6.43 -27.85
C VAL A 84 22.54 -7.25 -26.82
N GLU A 85 21.73 -8.19 -27.28
CA GLU A 85 20.93 -8.95 -26.33
C GLU A 85 21.40 -10.36 -25.97
N GLN A 86 21.71 -10.53 -24.68
CA GLN A 86 22.14 -11.81 -24.16
C GLN A 86 20.86 -12.63 -23.98
N ARG A 87 21.01 -13.92 -23.71
CA ARG A 87 19.84 -14.76 -23.52
C ARG A 87 20.17 -16.06 -22.78
N VAL A 88 19.23 -16.52 -21.98
CA VAL A 88 19.38 -17.76 -21.23
C VAL A 88 18.30 -18.72 -21.71
N SER A 89 18.70 -19.93 -22.06
CA SER A 89 17.78 -20.93 -22.57
C SER A 89 17.00 -21.69 -21.50
N ASN A 90 15.78 -22.07 -21.85
CA ASN A 90 14.90 -22.81 -20.98
C ASN A 90 14.49 -22.06 -19.72
N VAL A 91 13.27 -21.50 -19.78
CA VAL A 91 12.68 -20.76 -18.67
C VAL A 91 12.47 -21.65 -17.45
N ALA A 92 11.62 -22.66 -17.60
CA ALA A 92 11.27 -23.59 -16.52
C ALA A 92 12.46 -24.08 -15.70
N ASN A 93 13.60 -24.29 -16.35
CA ASN A 93 14.78 -24.78 -15.64
C ASN A 93 15.27 -23.82 -14.58
N GLN A 94 15.06 -22.53 -14.79
CA GLN A 94 15.51 -21.55 -13.82
C GLN A 94 14.58 -21.46 -12.62
N PHE A 95 13.33 -21.87 -12.80
CA PHE A 95 12.34 -21.82 -11.71
C PHE A 95 12.19 -23.14 -10.98
N ILE A 96 13.08 -24.08 -11.27
CA ILE A 96 13.01 -25.36 -10.58
C ILE A 96 13.27 -25.11 -9.10
N GLY A 97 12.33 -25.53 -8.27
CA GLY A 97 12.46 -25.30 -6.84
C GLY A 97 11.66 -24.07 -6.47
N SER A 98 10.60 -23.83 -7.23
CA SER A 98 9.71 -22.70 -7.00
C SER A 98 8.50 -23.11 -6.18
N GLY A 99 7.47 -23.61 -6.86
CA GLY A 99 6.28 -24.03 -6.15
C GLY A 99 5.23 -22.94 -5.97
N GLY A 100 4.70 -22.44 -7.09
CA GLY A 100 3.67 -21.42 -7.04
C GLY A 100 4.12 -19.99 -6.78
N LYS A 101 5.42 -19.76 -6.66
CA LYS A 101 5.91 -18.42 -6.40
C LYS A 101 7.36 -18.29 -6.82
N ALA A 102 7.76 -17.08 -7.15
CA ALA A 102 9.11 -16.88 -7.60
C ALA A 102 9.66 -15.54 -7.14
N MET A 103 10.97 -15.41 -7.20
CA MET A 103 11.60 -14.16 -6.85
C MET A 103 12.83 -13.98 -7.70
N VAL A 104 12.99 -12.79 -8.24
CA VAL A 104 14.11 -12.46 -9.08
C VAL A 104 14.91 -11.42 -8.34
N THR A 105 16.22 -11.55 -8.36
CA THR A 105 17.05 -10.58 -7.68
C THR A 105 18.11 -10.02 -8.60
N VAL A 106 18.28 -8.70 -8.53
CA VAL A 106 19.27 -8.04 -9.33
C VAL A 106 20.25 -7.33 -8.41
N PHE A 107 21.50 -7.73 -8.52
CA PHE A 107 22.56 -7.12 -7.74
C PHE A 107 23.23 -6.13 -8.70
N ASP A 108 23.42 -4.90 -8.24
CA ASP A 108 24.08 -3.92 -9.09
C ASP A 108 25.55 -3.86 -8.71
N HIS A 109 26.36 -4.67 -9.38
CA HIS A 109 27.78 -4.71 -9.12
C HIS A 109 28.51 -3.57 -9.83
N GLY A 110 27.89 -2.40 -9.86
CA GLY A 110 28.51 -1.24 -10.51
C GLY A 110 28.72 -1.37 -12.02
N ASP A 111 29.64 -2.23 -12.43
CA ASP A 111 29.93 -2.43 -13.83
C ASP A 111 29.20 -3.65 -14.38
N LYS A 112 28.37 -4.27 -13.55
CA LYS A 112 27.59 -5.44 -13.96
C LYS A 112 26.31 -5.58 -13.16
N TYR A 113 25.41 -6.42 -13.67
CA TYR A 113 24.14 -6.70 -13.01
C TYR A 113 24.09 -8.22 -12.89
N GLN A 114 23.96 -8.73 -11.67
CA GLN A 114 23.88 -10.16 -11.47
C GLN A 114 22.40 -10.48 -11.29
N VAL A 115 21.87 -11.38 -12.11
CA VAL A 115 20.46 -11.72 -12.00
C VAL A 115 20.28 -13.08 -11.39
N VAL A 116 19.51 -13.15 -10.32
CA VAL A 116 19.27 -14.43 -9.66
C VAL A 116 17.80 -14.80 -9.63
N ILE A 117 17.47 -16.02 -10.03
CA ILE A 117 16.08 -16.49 -9.98
C ILE A 117 16.01 -17.43 -8.80
N ASN A 118 15.41 -16.98 -7.71
CA ASN A 118 15.31 -17.77 -6.47
C ASN A 118 16.73 -17.85 -5.87
N GLU A 119 17.40 -19.00 -6.02
CA GLU A 119 18.76 -19.14 -5.49
C GLU A 119 19.75 -19.41 -6.61
N LYS A 120 19.24 -19.56 -7.82
CA LYS A 120 20.10 -19.84 -8.95
C LYS A 120 20.49 -18.58 -9.73
N THR A 121 21.80 -18.36 -9.90
CA THR A 121 22.26 -17.21 -10.69
C THR A 121 22.10 -17.62 -12.16
N VAL A 122 21.47 -16.78 -12.96
CA VAL A 122 21.27 -17.10 -14.37
C VAL A 122 22.24 -16.38 -15.32
N ILE A 123 22.69 -15.19 -14.94
CA ILE A 123 23.61 -14.44 -15.79
C ILE A 123 24.34 -13.34 -15.04
N GLN A 124 25.54 -13.01 -15.51
CA GLN A 124 26.32 -11.94 -14.90
C GLN A 124 26.37 -10.73 -15.85
N TYR A 125 25.22 -10.42 -16.45
CA TYR A 125 25.08 -9.30 -17.40
C TYR A 125 26.06 -8.14 -17.23
N THR A 126 26.67 -7.74 -18.35
CA THR A 126 27.61 -6.62 -18.35
C THR A 126 26.84 -5.37 -18.80
N LYS A 127 26.88 -4.32 -17.98
CA LYS A 127 26.16 -3.09 -18.29
C LYS A 127 26.57 -2.44 -19.61
N GLN A 128 25.61 -2.34 -20.54
CA GLN A 128 25.85 -1.70 -21.82
C GLN A 128 25.66 -0.21 -21.61
N ILE A 129 24.82 0.14 -20.65
CA ILE A 129 24.55 1.53 -20.30
C ILE A 129 24.75 1.60 -18.79
N SER A 130 25.32 2.68 -18.30
CA SER A 130 25.54 2.80 -16.86
C SER A 130 24.67 3.89 -16.25
N GLY A 131 24.57 3.87 -14.93
CA GLY A 131 23.78 4.88 -14.26
C GLY A 131 23.06 4.31 -13.07
N THR A 132 22.21 5.14 -12.46
CA THR A 132 21.46 4.73 -11.30
C THR A 132 20.02 4.44 -11.72
N THR A 133 19.43 3.42 -11.12
CA THR A 133 18.05 3.07 -11.40
C THR A 133 17.14 3.97 -10.59
N SER A 134 16.25 4.68 -11.27
CA SER A 134 15.35 5.57 -10.57
C SER A 134 13.92 5.09 -10.65
N SER A 135 13.67 4.09 -11.50
CA SER A 135 12.32 3.56 -11.66
C SER A 135 12.33 2.14 -12.25
N LEU A 136 11.23 1.41 -12.01
CA LEU A 136 11.10 0.03 -12.49
C LEU A 136 9.74 -0.18 -13.12
N SER A 137 9.67 -1.05 -14.11
CA SER A 137 8.41 -1.35 -14.78
C SER A 137 8.19 -2.84 -14.91
N TYR A 138 6.92 -3.22 -14.84
CA TYR A 138 6.52 -4.61 -14.99
C TYR A 138 5.54 -4.60 -16.14
N ASN A 139 5.97 -5.04 -17.31
CA ASN A 139 5.11 -5.09 -18.48
C ASN A 139 4.75 -6.53 -18.75
N SER A 140 3.56 -6.74 -19.29
CA SER A 140 3.10 -8.08 -19.59
C SER A 140 2.36 -8.09 -20.90
N THR A 141 2.18 -9.29 -21.44
CA THR A 141 1.40 -9.46 -22.64
C THR A 141 0.05 -9.90 -22.07
N GLU A 142 -1.00 -9.21 -22.46
CA GLU A 142 -2.37 -9.49 -22.03
C GLU A 142 -2.65 -10.93 -21.62
N GLY A 143 -2.98 -11.13 -20.35
CA GLY A 143 -3.31 -12.44 -19.83
C GLY A 143 -2.36 -13.61 -19.95
N THR A 144 -1.12 -13.38 -20.40
CA THR A 144 -0.17 -14.48 -20.52
C THR A 144 1.12 -14.24 -19.73
N SER A 145 1.01 -13.54 -18.61
CA SER A 145 2.19 -13.28 -17.79
C SER A 145 2.50 -14.48 -16.91
N ILE A 146 3.79 -14.74 -16.70
CA ILE A 146 4.21 -15.87 -15.87
C ILE A 146 4.11 -15.50 -14.40
N PHE A 147 3.97 -14.21 -14.11
CA PHE A 147 3.88 -13.73 -12.73
C PHE A 147 2.47 -13.22 -12.39
N SER A 148 2.22 -13.04 -11.09
CA SER A 148 0.95 -12.53 -10.60
C SER A 148 0.69 -11.14 -11.21
N THR A 149 -0.56 -10.67 -11.14
CA THR A 149 -0.88 -9.37 -11.70
C THR A 149 -0.15 -8.27 -10.94
N VAL A 150 0.14 -8.50 -9.68
CA VAL A 150 0.89 -7.53 -8.90
C VAL A 150 2.17 -8.19 -8.41
N VAL A 151 3.29 -7.54 -8.67
CA VAL A 151 4.59 -8.06 -8.24
C VAL A 151 5.15 -7.14 -7.16
N GLU A 152 5.67 -7.73 -6.08
CA GLU A 152 6.25 -6.95 -5.00
C GLU A 152 7.73 -6.68 -5.25
N ALA A 153 8.15 -5.45 -4.96
CA ALA A 153 9.55 -5.10 -5.15
C ALA A 153 10.13 -4.50 -3.89
N VAL A 154 11.23 -5.09 -3.44
CA VAL A 154 11.92 -4.63 -2.25
C VAL A 154 13.30 -4.22 -2.69
N THR A 155 13.68 -2.99 -2.38
CA THR A 155 15.00 -2.51 -2.71
C THR A 155 15.80 -2.33 -1.42
N TYR A 156 17.09 -2.63 -1.51
CA TYR A 156 18.01 -2.48 -0.39
C TYR A 156 19.08 -1.53 -0.92
N THR A 157 19.07 -0.29 -0.42
CA THR A 157 20.05 0.70 -0.87
C THR A 157 20.83 1.32 0.28
N GLY A 158 21.97 1.90 -0.05
CA GLY A 158 22.82 2.53 0.94
C GLY A 158 23.78 1.52 1.50
N LEU A 159 23.99 0.43 0.77
CA LEU A 159 24.89 -0.61 1.22
C LEU A 159 26.33 -0.12 1.16
N ALA A 160 26.97 -0.21 0.00
CA ALA A 160 28.36 0.22 -0.13
C ALA A 160 28.51 1.71 0.17
N THR B 1 -31.31 9.24 -6.16
CA THR B 1 -31.07 9.11 -7.63
C THR B 1 -30.46 10.41 -8.15
N THR B 2 -30.01 11.25 -7.22
CA THR B 2 -29.36 12.52 -7.53
C THR B 2 -28.54 12.99 -6.32
N SER B 3 -27.55 12.15 -5.97
CA SER B 3 -26.67 12.37 -4.83
C SER B 3 -25.77 13.61 -4.97
N ALA B 4 -25.13 14.01 -3.86
CA ALA B 4 -24.26 15.17 -3.88
C ALA B 4 -22.96 14.98 -3.10
N VAL B 5 -21.89 15.55 -3.64
CA VAL B 5 -20.58 15.48 -3.00
C VAL B 5 -20.18 16.85 -2.47
N ASN B 6 -19.91 16.92 -1.17
CA ASN B 6 -19.50 18.17 -0.55
C ASN B 6 -18.16 18.01 0.11
N ILE B 7 -17.30 19.00 -0.11
CA ILE B 7 -15.96 18.97 0.43
C ILE B 7 -15.71 20.13 1.39
N TYR B 8 -15.21 19.80 2.57
CA TYR B 8 -14.93 20.82 3.57
C TYR B 8 -13.53 20.69 4.14
N ASN B 9 -12.90 21.83 4.42
CA ASN B 9 -11.57 21.81 5.05
C ASN B 9 -11.83 22.18 6.51
N ILE B 10 -11.51 21.29 7.44
CA ILE B 10 -11.74 21.58 8.83
C ILE B 10 -10.47 21.78 9.64
N SER B 11 -10.21 23.01 10.05
CA SER B 11 -9.02 23.32 10.85
C SER B 11 -9.30 22.91 12.29
N ALA B 12 -8.27 22.41 12.96
CA ALA B 12 -8.37 22.00 14.35
C ALA B 12 -8.97 23.13 15.17
N GLY B 13 -9.92 22.80 16.03
CA GLY B 13 -10.56 23.80 16.86
C GLY B 13 -11.77 24.40 16.16
N ALA B 14 -12.00 24.02 14.91
CA ALA B 14 -13.12 24.59 14.17
C ALA B 14 -14.37 23.71 14.11
N SER B 15 -15.42 24.30 13.58
CA SER B 15 -16.69 23.63 13.43
C SER B 15 -17.28 24.18 12.15
N VAL B 16 -17.63 23.30 11.20
CA VAL B 16 -18.19 23.78 9.93
C VAL B 16 -19.66 23.40 9.79
N ASP B 17 -20.44 24.27 9.16
CA ASP B 17 -21.85 23.99 8.93
C ASP B 17 -21.96 23.31 7.57
N LEU B 18 -22.52 22.11 7.55
CA LEU B 18 -22.66 21.37 6.32
C LEU B 18 -23.65 22.05 5.37
N ALA B 19 -23.32 22.12 4.08
CA ALA B 19 -24.18 22.74 3.09
C ALA B 19 -25.34 21.79 2.78
N ALA B 20 -25.17 20.55 3.19
CA ALA B 20 -26.18 19.51 2.99
C ALA B 20 -26.10 18.62 4.22
N PRO B 21 -27.22 18.46 4.93
CA PRO B 21 -27.17 17.61 6.12
C PRO B 21 -26.99 16.13 5.84
N VAL B 22 -26.27 15.48 6.74
CA VAL B 22 -26.00 14.06 6.62
C VAL B 22 -27.09 13.30 7.37
N THR B 23 -27.87 12.52 6.63
CA THR B 23 -28.95 11.74 7.22
C THR B 23 -28.75 10.24 6.99
N THR B 24 -29.75 9.46 7.38
CA THR B 24 -29.69 8.01 7.23
C THR B 24 -29.35 7.60 5.80
N GLY B 25 -28.32 6.75 5.69
CA GLY B 25 -27.88 6.28 4.40
C GLY B 25 -26.73 7.09 3.82
N ASP B 26 -26.51 8.29 4.35
CA ASP B 26 -25.43 9.12 3.86
C ASP B 26 -24.10 8.75 4.49
N ILE B 27 -23.02 9.28 3.91
CA ILE B 27 -21.70 8.97 4.39
C ILE B 27 -20.88 10.22 4.67
N VAL B 28 -19.89 10.07 5.54
CA VAL B 28 -18.98 11.14 5.89
C VAL B 28 -17.60 10.55 6.11
N THR B 29 -16.60 11.07 5.40
CA THR B 29 -15.25 10.60 5.57
C THR B 29 -14.32 11.73 5.95
N PHE B 30 -13.41 11.43 6.86
CA PHE B 30 -12.44 12.40 7.33
C PHE B 30 -11.08 12.01 6.82
N PHE B 31 -10.40 12.94 6.18
CA PHE B 31 -9.09 12.66 5.65
C PHE B 31 -8.01 13.38 6.44
N SER B 32 -7.00 12.64 6.87
CA SER B 32 -5.88 13.22 7.58
C SER B 32 -4.62 12.97 6.76
N SER B 33 -3.85 14.01 6.51
CA SER B 33 -2.62 13.86 5.73
C SER B 33 -1.42 13.59 6.64
N ALA B 34 -1.68 13.23 7.89
CA ALA B 34 -0.62 12.90 8.84
C ALA B 34 -1.15 11.97 9.91
N LEU B 35 -0.26 11.24 10.56
CA LEU B 35 -0.64 10.33 11.63
C LEU B 35 0.50 10.33 12.63
N ASN B 36 0.20 10.73 13.86
CA ASN B 36 1.22 10.82 14.91
C ASN B 36 0.78 10.02 16.12
N LEU B 37 1.21 8.76 16.20
CA LEU B 37 0.85 7.89 17.30
C LEU B 37 1.72 8.06 18.56
N SER B 38 2.78 8.86 18.43
CA SER B 38 3.67 9.13 19.56
C SER B 38 3.74 10.66 19.71
N ALA B 39 2.56 11.27 19.67
CA ALA B 39 2.41 12.72 19.76
C ALA B 39 2.50 13.25 21.19
N GLY B 40 1.67 12.68 22.07
CA GLY B 40 1.67 13.13 23.45
C GLY B 40 0.38 12.79 24.16
N ALA B 41 0.08 13.53 25.23
CA ALA B 41 -1.12 13.29 26.01
C ALA B 41 -2.27 14.24 25.65
N GLY B 42 -3.48 13.71 25.76
CA GLY B 42 -4.68 14.49 25.48
C GLY B 42 -5.30 14.94 26.78
N SER B 43 -5.97 16.09 26.75
CA SER B 43 -6.57 16.64 27.95
C SER B 43 -8.08 16.52 28.00
N PRO B 44 -8.62 15.29 27.92
CA PRO B 44 -7.95 13.99 27.77
C PRO B 44 -7.84 13.53 26.32
N ASN B 45 -8.53 14.22 25.43
CA ASN B 45 -8.58 13.86 24.02
C ASN B 45 -7.48 14.49 23.17
N ASN B 46 -6.70 13.66 22.48
CA ASN B 46 -5.66 14.16 21.60
C ASN B 46 -6.34 14.72 20.35
N THR B 47 -7.41 14.04 19.95
CA THR B 47 -8.17 14.42 18.76
C THR B 47 -9.59 13.95 18.89
N ALA B 48 -10.52 14.83 18.56
CA ALA B 48 -11.94 14.52 18.62
C ALA B 48 -12.65 14.97 17.34
N LEU B 49 -13.45 14.08 16.76
CA LEU B 49 -14.24 14.37 15.56
C LEU B 49 -15.68 14.23 16.03
N ASN B 50 -16.50 15.25 15.78
CA ASN B 50 -17.90 15.25 16.21
C ASN B 50 -18.93 15.55 15.12
N LEU B 51 -20.03 14.81 15.18
CA LEU B 51 -21.15 15.01 14.28
C LEU B 51 -22.21 15.61 15.20
N LEU B 52 -22.61 16.85 14.89
CA LEU B 52 -23.58 17.57 15.72
C LEU B 52 -24.90 17.87 15.03
N SER B 53 -25.99 17.81 15.81
CA SER B 53 -27.33 18.10 15.30
C SER B 53 -27.51 19.61 15.22
N GLU B 54 -28.60 20.05 14.62
CA GLU B 54 -28.85 21.47 14.48
C GLU B 54 -29.15 22.11 15.83
N ASN B 55 -29.30 21.26 16.85
CA ASN B 55 -29.58 21.70 18.22
C ASN B 55 -28.33 21.72 19.04
N GLY B 56 -27.20 21.43 18.42
CA GLY B 56 -25.95 21.42 19.16
C GLY B 56 -25.68 20.09 19.82
N ALA B 57 -26.61 19.15 19.68
CA ALA B 57 -26.42 17.83 20.27
C ALA B 57 -25.23 17.13 19.63
N TYR B 58 -24.50 16.34 20.42
CA TYR B 58 -23.38 15.59 19.89
C TYR B 58 -23.87 14.22 19.40
N LEU B 59 -24.36 14.17 18.17
CA LEU B 59 -24.83 12.90 17.59
C LEU B 59 -23.77 11.85 17.84
N LEU B 60 -22.55 12.14 17.41
CA LEU B 60 -21.45 11.22 17.62
C LEU B 60 -20.17 11.96 17.97
N HIS B 61 -19.55 11.54 19.06
CA HIS B 61 -18.31 12.11 19.55
C HIS B 61 -17.28 10.98 19.40
N ILE B 62 -16.20 11.24 18.67
CA ILE B 62 -15.14 10.24 18.49
C ILE B 62 -13.87 10.86 19.07
N ALA B 63 -13.30 10.23 20.10
CA ALA B 63 -12.11 10.76 20.74
C ALA B 63 -10.96 9.79 20.85
N PHE B 64 -9.80 10.21 20.37
CA PHE B 64 -8.61 9.38 20.42
C PHE B 64 -7.78 9.85 21.58
N ARG B 65 -7.49 8.92 22.49
CA ARG B 65 -6.70 9.18 23.68
C ARG B 65 -5.43 8.32 23.70
N LEU B 66 -4.30 8.91 23.31
CA LEU B 66 -3.03 8.19 23.28
C LEU B 66 -2.61 7.70 24.67
N GLN B 67 -2.49 8.61 25.64
CA GLN B 67 -2.09 8.26 27.00
C GLN B 67 -2.96 7.14 27.59
N GLU B 68 -4.25 7.16 27.28
CA GLU B 68 -5.17 6.13 27.78
C GLU B 68 -5.27 5.03 26.73
N ASN B 69 -4.49 5.17 25.66
CA ASN B 69 -4.44 4.21 24.56
C ASN B 69 -5.83 3.65 24.26
N VAL B 70 -6.78 4.52 23.97
CA VAL B 70 -8.14 4.11 23.66
C VAL B 70 -8.87 5.12 22.74
N ILE B 71 -10.00 4.70 22.21
CA ILE B 71 -10.84 5.54 21.36
C ILE B 71 -12.20 5.49 21.99
N VAL B 72 -12.80 6.65 22.21
CA VAL B 72 -14.12 6.71 22.84
C VAL B 72 -15.21 7.18 21.91
N PHE B 73 -16.37 6.55 22.04
CA PHE B 73 -17.54 6.90 21.24
C PHE B 73 -18.65 7.23 22.24
N ASN B 74 -19.26 8.41 22.09
CA ASN B 74 -20.34 8.81 22.98
C ASN B 74 -21.25 9.83 22.31
N SER B 75 -22.24 10.30 23.05
CA SER B 75 -23.19 11.28 22.56
C SER B 75 -23.70 12.10 23.75
N ARG B 76 -24.48 13.14 23.47
CA ARG B 76 -25.03 13.99 24.53
C ARG B 76 -25.76 15.19 23.98
N GLN B 77 -26.90 15.51 24.60
CA GLN B 77 -27.70 16.67 24.18
C GLN B 77 -26.96 17.90 24.68
N PRO B 78 -27.24 19.07 24.08
CA PRO B 78 -26.56 20.29 24.53
C PRO B 78 -26.83 20.61 25.99
N ASN B 79 -25.82 21.14 26.66
CA ASN B 79 -25.92 21.49 28.08
C ASN B 79 -26.59 20.36 28.85
N ALA B 80 -26.03 19.16 28.68
CA ALA B 80 -26.50 17.96 29.35
C ALA B 80 -25.26 17.10 29.58
N PRO B 81 -25.33 16.15 30.52
CA PRO B 81 -24.16 15.30 30.78
C PRO B 81 -23.82 14.29 29.68
N TRP B 82 -22.58 13.83 29.67
CA TRP B 82 -22.13 12.83 28.69
C TRP B 82 -22.91 11.55 28.95
N LEU B 83 -23.18 10.77 27.90
CA LEU B 83 -23.95 9.54 28.05
C LEU B 83 -23.11 8.28 28.14
N VAL B 84 -23.74 7.15 27.81
CA VAL B 84 -23.08 5.85 27.86
C VAL B 84 -21.94 5.83 26.84
N GLU B 85 -20.72 5.69 27.31
CA GLU B 85 -19.61 5.72 26.39
C GLU B 85 -18.96 4.38 26.05
N GLN B 86 -19.03 4.03 24.77
CA GLN B 86 -18.42 2.82 24.25
C GLN B 86 -16.94 3.13 24.09
N ARG B 87 -16.13 2.11 23.84
CA ARG B 87 -14.71 2.34 23.66
C ARG B 87 -13.99 1.18 22.97
N VAL B 88 -12.99 1.52 22.17
CA VAL B 88 -12.20 0.54 21.45
C VAL B 88 -10.76 0.65 21.95
N SER B 89 -10.16 -0.50 22.27
CA SER B 89 -8.81 -0.54 22.80
C SER B 89 -7.69 -0.55 21.76
N ASN B 90 -6.58 0.08 22.12
CA ASN B 90 -5.40 0.19 21.27
C ASN B 90 -5.60 0.98 19.99
N VAL B 91 -5.17 2.23 20.03
CA VAL B 91 -5.26 3.14 18.90
C VAL B 91 -4.51 2.61 17.70
N ALA B 92 -3.18 2.57 17.81
CA ALA B 92 -2.31 2.11 16.74
C ALA B 92 -2.79 0.87 15.98
N ASN B 93 -3.43 -0.07 16.65
CA ASN B 93 -3.92 -1.26 15.97
C ASN B 93 -4.95 -0.96 14.92
N GLN B 94 -5.68 0.14 15.08
CA GLN B 94 -6.70 0.49 14.10
C GLN B 94 -6.10 1.17 12.87
N PHE B 95 -4.94 1.79 13.05
CA PHE B 95 -4.26 2.50 11.96
C PHE B 95 -3.19 1.66 11.28
N ILE B 96 -3.17 0.35 11.54
CA ILE B 96 -2.20 -0.51 10.89
C ILE B 96 -2.57 -0.56 9.41
N GLY B 97 -1.62 -0.19 8.56
CA GLY B 97 -1.89 -0.15 7.14
C GLY B 97 -2.19 1.27 6.76
N SER B 98 -1.56 2.21 7.47
CA SER B 98 -1.74 3.63 7.21
C SER B 98 -0.59 4.18 6.39
N GLY B 99 0.49 4.56 7.06
CA GLY B 99 1.63 5.10 6.35
C GLY B 99 1.58 6.61 6.16
N GLY B 100 1.59 7.34 7.27
CA GLY B 100 1.57 8.79 7.23
C GLY B 100 0.25 9.48 6.87
N LYS B 101 -0.85 8.75 6.89
CA LYS B 101 -2.14 9.34 6.55
C LYS B 101 -3.28 8.41 6.94
N ALA B 102 -4.40 9.00 7.30
CA ALA B 102 -5.53 8.20 7.73
C ALA B 102 -6.87 8.74 7.25
N MET B 103 -7.85 7.87 7.21
CA MET B 103 -9.18 8.30 6.85
C MET B 103 -10.15 7.61 7.77
N VAL B 104 -11.11 8.36 8.27
CA VAL B 104 -12.10 7.81 9.16
C VAL B 104 -13.40 7.94 8.42
N THR B 105 -14.21 6.89 8.41
CA THR B 105 -15.48 6.98 7.72
C THR B 105 -16.62 6.64 8.63
N VAL B 106 -17.66 7.46 8.55
CA VAL B 106 -18.85 7.24 9.34
C VAL B 106 -20.04 7.02 8.41
N PHE B 107 -20.66 5.86 8.57
CA PHE B 107 -21.82 5.50 7.79
C PHE B 107 -23.01 5.74 8.72
N ASP B 108 -24.02 6.45 8.23
CA ASP B 108 -25.20 6.68 9.05
C ASP B 108 -26.27 5.68 8.64
N HIS B 109 -26.32 4.57 9.37
CA HIS B 109 -27.28 3.52 9.11
C HIS B 109 -28.61 3.81 9.78
N GLY B 110 -28.98 5.09 9.84
CA GLY B 110 -30.24 5.48 10.46
C GLY B 110 -30.32 5.27 11.96
N ASP B 111 -30.32 4.01 12.39
CA ASP B 111 -30.41 3.68 13.80
C ASP B 111 -29.07 3.33 14.38
N LYS B 112 -28.01 3.51 13.58
CA LYS B 112 -26.65 3.22 14.00
C LYS B 112 -25.61 4.00 13.20
N TYR B 113 -24.40 4.09 13.75
CA TYR B 113 -23.29 4.76 13.08
C TYR B 113 -22.19 3.72 12.98
N GLN B 114 -21.73 3.44 11.77
CA GLN B 114 -20.66 2.47 11.58
C GLN B 114 -19.41 3.29 11.36
N VAL B 115 -18.42 3.10 12.21
CA VAL B 115 -17.20 3.86 12.06
C VAL B 115 -16.13 2.97 11.47
N VAL B 116 -15.45 3.48 10.46
CA VAL B 116 -14.39 2.72 9.81
C VAL B 116 -13.09 3.50 9.78
N ILE B 117 -11.99 2.85 10.17
CA ILE B 117 -10.67 3.48 10.14
C ILE B 117 -9.92 2.88 8.97
N ASN B 118 -9.84 3.62 7.86
CA ASN B 118 -9.19 3.14 6.64
C ASN B 118 -10.11 2.07 6.04
N GLU B 119 -9.76 0.80 6.22
CA GLU B 119 -10.61 -0.27 5.70
C GLU B 119 -11.18 -1.12 6.81
N LYS B 120 -10.65 -0.92 8.02
CA LYS B 120 -11.12 -1.70 9.17
C LYS B 120 -12.31 -1.06 9.90
N THR B 121 -13.35 -1.84 10.17
CA THR B 121 -14.51 -1.35 10.90
C THR B 121 -14.13 -1.48 12.37
N VAL B 122 -14.33 -0.42 13.15
CA VAL B 122 -13.97 -0.46 14.56
C VAL B 122 -15.15 -0.64 15.51
N ILE B 123 -16.33 -0.15 15.12
CA ILE B 123 -17.52 -0.27 15.95
C ILE B 123 -18.81 -0.02 15.18
N GLN B 124 -19.90 -0.62 15.65
CA GLN B 124 -21.20 -0.39 15.02
C GLN B 124 -22.09 0.45 15.94
N TYR B 125 -21.50 1.48 16.55
CA TYR B 125 -22.20 2.40 17.46
C TYR B 125 -23.72 2.52 17.29
N THR B 126 -24.44 2.33 18.38
CA THR B 126 -25.91 2.46 18.37
C THR B 126 -26.26 3.89 18.78
N LYS B 127 -27.00 4.59 17.93
CA LYS B 127 -27.37 5.96 18.21
C LYS B 127 -28.12 6.16 19.53
N GLN B 128 -27.52 6.93 20.44
CA GLN B 128 -28.17 7.20 21.72
C GLN B 128 -29.11 8.39 21.49
N ILE B 129 -28.75 9.20 20.49
CA ILE B 129 -29.55 10.37 20.11
C ILE B 129 -29.73 10.26 18.60
N SER B 130 -30.92 10.58 18.11
CA SER B 130 -31.17 10.51 16.68
C SER B 130 -31.30 11.89 16.06
N GLY B 131 -31.18 11.93 14.75
CA GLY B 131 -31.29 13.21 14.07
C GLY B 131 -30.34 13.29 12.89
N THR B 132 -30.38 14.43 12.23
CA THR B 132 -29.53 14.66 11.08
C THR B 132 -28.34 15.51 11.49
N THR B 133 -27.18 15.17 10.93
CA THR B 133 -25.95 15.90 11.22
C THR B 133 -25.96 17.14 10.35
N SER B 134 -25.85 18.31 10.99
CA SER B 134 -25.85 19.56 10.26
C SER B 134 -24.52 20.27 10.38
N SER B 135 -23.63 19.75 11.23
CA SER B 135 -22.31 20.34 11.41
C SER B 135 -21.31 19.37 12.04
N LEU B 136 -20.03 19.60 11.78
CA LEU B 136 -18.95 18.76 12.27
C LEU B 136 -17.83 19.60 12.89
N SER B 137 -17.19 19.05 13.91
CA SER B 137 -16.11 19.73 14.60
C SER B 137 -14.89 18.84 14.76
N TYR B 138 -13.73 19.45 14.63
CA TYR B 138 -12.45 18.76 14.80
C TYR B 138 -11.74 19.51 15.92
N ASN B 139 -11.79 18.94 17.13
CA ASN B 139 -11.16 19.53 18.31
C ASN B 139 -9.88 18.76 18.63
N SER B 140 -8.88 19.48 19.11
CA SER B 140 -7.61 18.85 19.45
C SER B 140 -7.11 19.38 20.78
N THR B 141 -6.10 18.70 21.30
CA THR B 141 -5.43 19.13 22.50
C THR B 141 -4.18 19.80 21.94
N GLU B 142 -3.94 21.04 22.34
CA GLU B 142 -2.80 21.82 21.91
C GLU B 142 -1.56 21.01 21.53
N GLY B 143 -1.22 21.03 20.25
CA GLY B 143 -0.03 20.33 19.76
C GLY B 143 0.14 18.82 19.92
N THR B 144 -0.89 18.12 20.36
CA THR B 144 -0.77 16.68 20.51
C THR B 144 -1.85 15.92 19.75
N SER B 145 -2.22 16.43 18.58
CA SER B 145 -3.23 15.78 17.76
C SER B 145 -2.58 14.69 16.92
N ILE B 146 -3.32 13.61 16.70
CA ILE B 146 -2.83 12.50 15.91
C ILE B 146 -3.07 12.79 14.43
N PHE B 147 -3.79 13.86 14.14
CA PHE B 147 -4.08 14.22 12.75
C PHE B 147 -3.46 15.55 12.40
N SER B 148 -3.39 15.83 11.10
CA SER B 148 -2.86 17.07 10.58
C SER B 148 -3.67 18.25 11.13
N THR B 149 -3.12 19.46 11.06
CA THR B 149 -3.85 20.61 11.57
C THR B 149 -5.12 20.83 10.76
N VAL B 150 -5.11 20.43 9.50
CA VAL B 150 -6.31 20.55 8.68
C VAL B 150 -6.75 19.16 8.23
N VAL B 151 -8.00 18.83 8.54
CA VAL B 151 -8.59 17.55 8.15
C VAL B 151 -9.61 17.79 7.02
N GLU B 152 -9.52 17.04 5.93
CA GLU B 152 -10.48 17.19 4.84
C GLU B 152 -11.72 16.36 5.13
N ALA B 153 -12.88 16.84 4.73
CA ALA B 153 -14.09 16.08 4.96
C ALA B 153 -14.94 16.05 3.71
N VAL B 154 -15.25 14.85 3.29
CA VAL B 154 -16.08 14.65 2.13
C VAL B 154 -17.35 13.97 2.61
N THR B 155 -18.50 14.54 2.24
CA THR B 155 -19.78 13.96 2.60
C THR B 155 -20.47 13.52 1.32
N TYR B 156 -21.15 12.37 1.41
CA TYR B 156 -21.91 11.81 0.30
C TYR B 156 -23.34 11.74 0.81
N THR B 157 -24.20 12.63 0.31
CA THR B 157 -25.60 12.66 0.73
C THR B 157 -26.58 12.52 -0.43
N GLY B 158 -27.81 12.13 -0.10
CA GLY B 158 -28.83 11.93 -1.11
C GLY B 158 -28.81 10.51 -1.61
N LEU B 159 -28.12 9.63 -0.89
CA LEU B 159 -28.03 8.25 -1.29
C LEU B 159 -29.40 7.59 -1.25
N ALA B 160 -29.80 7.05 -0.10
CA ALA B 160 -31.10 6.39 0.02
C ALA B 160 -32.24 7.38 -0.29
N THR C 1 -26.41 -2.25 5.78
CA THR C 1 -26.32 -2.02 7.26
C THR C 1 -24.97 -2.51 7.77
N THR C 2 -24.06 -2.78 6.84
CA THR C 2 -22.71 -3.25 7.15
C THR C 2 -21.81 -3.02 5.95
N SER C 3 -21.71 -1.74 5.56
CA SER C 3 -20.92 -1.29 4.42
C SER C 3 -19.42 -1.52 4.56
N ALA C 4 -18.69 -1.30 3.47
CA ALA C 4 -17.25 -1.49 3.48
C ALA C 4 -16.48 -0.44 2.68
N VAL C 5 -15.34 -0.04 3.22
CA VAL C 5 -14.48 0.95 2.58
C VAL C 5 -13.23 0.26 2.06
N ASN C 6 -12.97 0.42 0.77
CA ASN C 6 -11.79 -0.18 0.18
C ASN C 6 -10.95 0.89 -0.49
N ILE C 7 -9.65 0.84 -0.22
CA ILE C 7 -8.71 1.81 -0.75
C ILE C 7 -7.73 1.12 -1.70
N TYR C 8 -7.53 1.72 -2.88
CA TYR C 8 -6.61 1.16 -3.87
C TYR C 8 -5.74 2.25 -4.45
N ASN C 9 -4.49 1.90 -4.76
CA ASN C 9 -3.60 2.84 -5.39
C ASN C 9 -3.50 2.40 -6.83
N ILE C 10 -3.84 3.27 -7.76
CA ILE C 10 -3.77 2.88 -9.16
C ILE C 10 -2.72 3.64 -9.95
N SER C 11 -1.68 2.94 -10.38
CA SER C 11 -0.65 3.59 -11.18
C SER C 11 -1.13 3.67 -12.61
N ALA C 12 -0.78 4.76 -13.28
CA ALA C 12 -1.14 4.98 -14.67
C ALA C 12 -0.73 3.75 -15.49
N GLY C 13 -1.63 3.30 -16.34
CA GLY C 13 -1.37 2.14 -17.17
C GLY C 13 -1.79 0.85 -16.50
N ALA C 14 -2.25 0.96 -15.25
CA ALA C 14 -2.66 -0.24 -14.53
C ALA C 14 -4.15 -0.45 -14.43
N SER C 15 -4.49 -1.61 -13.93
CA SER C 15 -5.85 -2.01 -13.75
C SER C 15 -5.82 -2.81 -12.46
N VAL C 16 -6.77 -2.55 -11.55
CA VAL C 16 -6.80 -3.28 -10.28
C VAL C 16 -8.11 -4.04 -10.09
N ASP C 17 -8.03 -5.18 -9.44
CA ASP C 17 -9.22 -5.97 -9.19
C ASP C 17 -9.77 -5.58 -7.83
N LEU C 18 -10.99 -5.10 -7.83
CA LEU C 18 -11.62 -4.68 -6.59
C LEU C 18 -11.81 -5.89 -5.69
N ALA C 19 -11.57 -5.71 -4.40
CA ALA C 19 -11.74 -6.78 -3.43
C ALA C 19 -13.23 -6.92 -3.14
N ALA C 20 -14.00 -5.93 -3.54
CA ALA C 20 -15.44 -5.92 -3.34
C ALA C 20 -16.03 -5.23 -4.55
N PRO C 21 -16.96 -5.90 -5.26
CA PRO C 21 -17.53 -5.26 -6.44
C PRO C 21 -18.43 -4.07 -6.17
N VAL C 22 -18.41 -3.12 -7.10
CA VAL C 22 -19.21 -1.92 -7.01
C VAL C 22 -20.51 -2.17 -7.75
N THR C 23 -21.62 -2.19 -7.01
CA THR C 23 -22.94 -2.43 -7.62
C THR C 23 -23.87 -1.26 -7.37
N THR C 24 -25.14 -1.42 -7.74
CA THR C 24 -26.14 -0.36 -7.59
C THR C 24 -26.17 0.22 -6.17
N GLY C 25 -26.08 1.54 -6.10
CA GLY C 25 -26.09 2.22 -4.81
C GLY C 25 -24.72 2.40 -4.20
N ASP C 26 -23.70 1.78 -4.78
CA ASP C 26 -22.35 1.93 -4.25
C ASP C 26 -21.65 3.14 -4.85
N ILE C 27 -20.52 3.51 -4.26
CA ILE C 27 -19.77 4.67 -4.71
C ILE C 27 -18.31 4.39 -4.98
N VAL C 28 -17.77 5.14 -5.94
CA VAL C 28 -16.37 5.03 -6.29
C VAL C 28 -15.83 6.45 -6.47
N THR C 29 -14.77 6.78 -5.75
CA THR C 29 -14.16 8.09 -5.92
C THR C 29 -12.71 7.94 -6.33
N PHE C 30 -12.28 8.84 -7.20
CA PHE C 30 -10.91 8.86 -7.70
C PHE C 30 -10.26 10.12 -7.16
N PHE C 31 -9.11 9.97 -6.53
CA PHE C 31 -8.39 11.10 -5.96
C PHE C 31 -7.09 11.32 -6.72
N SER C 32 -6.91 12.52 -7.25
CA SER C 32 -5.67 12.88 -7.93
C SER C 32 -5.00 13.94 -7.06
N SER C 33 -3.69 13.85 -6.90
CA SER C 33 -2.96 14.81 -6.08
C SER C 33 -2.27 15.82 -6.97
N ALA C 34 -2.74 15.93 -8.20
CA ALA C 34 -2.20 16.88 -9.17
C ALA C 34 -3.23 17.19 -10.23
N LEU C 35 -3.10 18.34 -10.88
CA LEU C 35 -4.02 18.73 -11.94
C LEU C 35 -3.22 19.53 -12.95
N ASN C 36 -3.13 19.02 -14.18
CA ASN C 36 -2.38 19.66 -15.24
C ASN C 36 -3.26 19.93 -16.45
N LEU C 37 -3.82 21.13 -16.51
CA LEU C 37 -4.71 21.51 -17.61
C LEU C 37 -3.96 22.00 -18.86
N SER C 38 -2.66 22.16 -18.76
CA SER C 38 -1.84 22.59 -19.89
C SER C 38 -0.71 21.55 -20.04
N ALA C 39 -1.11 20.27 -20.01
CA ALA C 39 -0.18 19.15 -20.11
C ALA C 39 0.26 18.84 -21.53
N GLY C 40 -0.71 18.68 -22.42
CA GLY C 40 -0.39 18.37 -23.80
C GLY C 40 -1.52 17.67 -24.49
N ALA C 41 -1.20 16.97 -25.59
CA ALA C 41 -2.20 16.26 -26.37
C ALA C 41 -2.35 14.78 -26.01
N GLY C 42 -3.58 14.29 -26.09
CA GLY C 42 -3.87 12.90 -25.81
C GLY C 42 -3.99 12.12 -27.11
N SER C 43 -3.60 10.86 -27.09
CA SER C 43 -3.65 10.04 -28.30
C SER C 43 -4.80 9.04 -28.34
N PRO C 44 -6.05 9.52 -28.26
CA PRO C 44 -6.50 10.91 -28.13
C PRO C 44 -6.76 11.33 -26.68
N ASN C 45 -6.79 10.35 -25.78
CA ASN C 45 -7.07 10.58 -24.37
C ASN C 45 -5.86 10.91 -23.52
N ASN C 46 -5.92 12.03 -22.80
CA ASN C 46 -4.82 12.41 -21.92
C ASN C 46 -4.91 11.52 -20.68
N THR C 47 -6.15 11.30 -20.24
CA THR C 47 -6.43 10.50 -19.06
C THR C 47 -7.75 9.78 -19.22
N ALA C 48 -7.77 8.52 -18.83
CA ALA C 48 -8.97 7.71 -18.92
C ALA C 48 -9.16 6.91 -17.63
N LEU C 49 -10.38 6.93 -17.11
CA LEU C 49 -10.73 6.17 -15.91
C LEU C 49 -11.83 5.24 -16.39
N ASN C 50 -11.68 3.94 -16.13
CA ASN C 50 -12.68 2.98 -16.59
C ASN C 50 -13.18 2.07 -15.48
N LEU C 51 -14.48 1.77 -15.54
CA LEU C 51 -15.12 0.87 -14.61
C LEU C 51 -15.42 -0.33 -15.52
N LEU C 52 -14.80 -1.48 -15.22
CA LEU C 52 -14.92 -2.68 -16.03
C LEU C 52 -15.64 -3.84 -15.36
N SER C 53 -16.49 -4.54 -16.13
CA SER C 53 -17.22 -5.70 -15.61
C SER C 53 -16.29 -6.90 -15.58
N GLU C 54 -16.76 -7.99 -15.00
CA GLU C 54 -15.94 -9.19 -14.87
C GLU C 54 -15.68 -9.85 -16.23
N ASN C 55 -16.38 -9.37 -17.25
CA ASN C 55 -16.25 -9.90 -18.59
C ASN C 55 -15.30 -9.05 -19.42
N GLY C 56 -14.82 -7.96 -18.83
CA GLY C 56 -13.91 -7.09 -19.55
C GLY C 56 -14.68 -5.97 -20.21
N ALA C 57 -15.99 -5.99 -20.05
CA ALA C 57 -16.84 -4.94 -20.63
C ALA C 57 -16.50 -3.59 -19.99
N TYR C 58 -16.54 -2.52 -20.78
CA TYR C 58 -16.27 -1.20 -20.27
C TYR C 58 -17.55 -0.55 -19.78
N LEU C 59 -17.97 -0.90 -18.56
CA LEU C 59 -19.18 -0.32 -17.97
C LEU C 59 -19.18 1.18 -18.21
N LEU C 60 -18.11 1.84 -17.79
CA LEU C 60 -18.00 3.27 -17.98
C LEU C 60 -16.58 3.67 -18.34
N HIS C 61 -16.46 4.43 -19.42
CA HIS C 61 -15.17 4.91 -19.90
C HIS C 61 -15.21 6.45 -19.75
N ILE C 62 -14.24 7.00 -19.03
CA ILE C 62 -14.17 8.45 -18.85
C ILE C 62 -12.84 8.92 -19.43
N ALA C 63 -12.90 9.81 -20.42
CA ALA C 63 -11.70 10.29 -21.09
C ALA C 63 -11.60 11.81 -21.19
N PHE C 64 -10.47 12.34 -20.74
CA PHE C 64 -10.24 13.77 -20.78
C PHE C 64 -9.32 14.06 -21.95
N ARG C 65 -9.80 14.88 -22.88
CA ARG C 65 -8.99 15.22 -24.06
C ARG C 65 -8.76 16.72 -24.10
N LEU C 66 -7.59 17.13 -23.63
CA LEU C 66 -7.21 18.53 -23.60
C LEU C 66 -7.26 19.19 -24.99
N GLN C 67 -6.55 18.60 -25.96
CA GLN C 67 -6.52 19.14 -27.32
C GLN C 67 -7.91 19.27 -27.94
N GLU C 68 -8.82 18.34 -27.62
CA GLU C 68 -10.18 18.40 -28.13
C GLU C 68 -11.04 19.11 -27.09
N ASN C 69 -10.39 19.57 -26.02
CA ASN C 69 -11.05 20.29 -24.93
C ASN C 69 -12.42 19.70 -24.62
N VAL C 70 -12.46 18.41 -24.31
CA VAL C 70 -13.72 17.74 -23.99
C VAL C 70 -13.51 16.51 -23.09
N ILE C 71 -14.61 16.01 -22.54
CA ILE C 71 -14.59 14.82 -21.69
C ILE C 71 -15.58 13.86 -22.34
N VAL C 72 -15.18 12.62 -22.56
CA VAL C 72 -16.07 11.65 -23.20
C VAL C 72 -16.51 10.53 -22.27
N PHE C 73 -17.78 10.16 -22.38
CA PHE C 73 -18.38 9.09 -21.59
C PHE C 73 -18.95 8.04 -22.57
N ASN C 74 -18.46 6.82 -22.46
CA ASN C 74 -18.92 5.77 -23.34
C ASN C 74 -18.86 4.41 -22.67
N SER C 75 -19.14 3.37 -23.44
CA SER C 75 -19.13 2.01 -22.92
C SER C 75 -18.90 1.09 -24.11
N ARG C 76 -18.68 -0.19 -23.85
CA ARG C 76 -18.49 -1.16 -24.91
C ARG C 76 -18.20 -2.53 -24.36
N GLN C 77 -18.70 -3.54 -25.08
CA GLN C 77 -18.53 -4.93 -24.72
C GLN C 77 -17.12 -5.34 -25.14
N PRO C 78 -16.56 -6.40 -24.51
CA PRO C 78 -15.21 -6.81 -24.90
C PRO C 78 -15.15 -7.12 -26.40
N ASN C 79 -14.01 -6.84 -27.00
CA ASN C 79 -13.81 -7.11 -28.43
C ASN C 79 -15.08 -6.79 -29.21
N ALA C 80 -15.55 -5.56 -29.05
CA ALA C 80 -16.74 -5.06 -29.72
C ALA C 80 -16.45 -3.59 -29.97
N PRO C 81 -17.20 -2.95 -30.86
CA PRO C 81 -16.95 -1.52 -31.14
C PRO C 81 -17.45 -0.58 -30.04
N TRP C 82 -16.91 0.64 -30.01
CA TRP C 82 -17.32 1.65 -29.04
C TRP C 82 -18.77 2.01 -29.32
N LEU C 83 -19.53 2.30 -28.26
CA LEU C 83 -20.95 2.63 -28.42
C LEU C 83 -21.26 4.12 -28.53
N VAL C 84 -22.48 4.48 -28.13
CA VAL C 84 -22.94 5.87 -28.21
C VAL C 84 -22.19 6.71 -27.19
N GLU C 85 -21.37 7.64 -27.67
CA GLU C 85 -20.59 8.44 -26.73
C GLU C 85 -21.06 9.84 -26.39
N GLN C 86 -21.39 10.03 -25.11
CA GLN C 86 -21.82 11.33 -24.60
C GLN C 86 -20.56 12.16 -24.40
N ARG C 87 -20.72 13.46 -24.24
CA ARG C 87 -19.56 14.30 -24.05
C ARG C 87 -19.90 15.62 -23.36
N VAL C 88 -18.96 16.08 -22.54
CA VAL C 88 -19.11 17.33 -21.82
C VAL C 88 -18.03 18.29 -22.32
N SER C 89 -18.45 19.49 -22.69
CA SER C 89 -17.54 20.49 -23.23
C SER C 89 -16.77 21.26 -22.17
N ASN C 90 -15.54 21.61 -22.52
CA ASN C 90 -14.67 22.37 -21.64
C ASN C 90 -14.28 21.60 -20.39
N VAL C 91 -13.02 21.18 -20.36
CA VAL C 91 -12.45 20.44 -19.24
C VAL C 91 -12.28 21.37 -18.04
N ALA C 92 -11.40 22.36 -18.22
CA ALA C 92 -11.09 23.33 -17.16
C ALA C 92 -12.29 23.79 -16.36
N ASN C 93 -13.40 24.07 -17.01
CA ASN C 93 -14.58 24.53 -16.30
C ASN C 93 -15.06 23.58 -15.22
N GLN C 94 -14.86 22.28 -15.42
CA GLN C 94 -15.31 21.32 -14.44
C GLN C 94 -14.40 21.29 -13.20
N PHE C 95 -13.13 21.63 -13.40
CA PHE C 95 -12.16 21.62 -12.30
C PHE C 95 -12.02 22.96 -11.59
N ILE C 96 -12.91 23.91 -11.88
CA ILE C 96 -12.84 25.20 -11.21
C ILE C 96 -13.15 24.98 -9.74
N GLY C 97 -12.21 25.39 -8.88
CA GLY C 97 -12.38 25.18 -7.46
C GLY C 97 -11.57 23.96 -7.08
N SER C 98 -10.46 23.76 -7.80
CA SER C 98 -9.57 22.63 -7.56
C SER C 98 -8.35 23.05 -6.76
N GLY C 99 -7.35 23.57 -7.44
CA GLY C 99 -6.15 24.00 -6.74
C GLY C 99 -5.12 22.90 -6.54
N GLY C 100 -4.57 22.39 -7.64
CA GLY C 100 -3.55 21.35 -7.56
C GLY C 100 -4.00 19.92 -7.26
N LYS C 101 -5.30 19.69 -7.19
CA LYS C 101 -5.80 18.35 -6.90
C LYS C 101 -7.24 18.20 -7.31
N ALA C 102 -7.65 16.97 -7.61
CA ALA C 102 -9.01 16.75 -8.03
C ALA C 102 -9.58 15.42 -7.59
N MET C 103 -10.90 15.32 -7.61
CA MET C 103 -11.51 14.07 -7.26
C MET C 103 -12.75 13.87 -8.11
N VAL C 104 -12.84 12.69 -8.69
CA VAL C 104 -13.95 12.32 -9.54
C VAL C 104 -14.74 11.29 -8.80
N THR C 105 -16.05 11.47 -8.75
CA THR C 105 -16.88 10.50 -8.06
C THR C 105 -17.93 9.94 -9.00
N VAL C 106 -18.10 8.62 -8.91
CA VAL C 106 -19.07 7.93 -9.71
C VAL C 106 -20.07 7.24 -8.77
N PHE C 107 -21.33 7.65 -8.90
CA PHE C 107 -22.41 7.06 -8.13
C PHE C 107 -23.07 6.05 -9.07
N ASP C 108 -23.28 4.84 -8.58
CA ASP C 108 -23.92 3.82 -9.38
C ASP C 108 -25.40 3.77 -9.04
N HIS C 109 -26.20 4.54 -9.77
CA HIS C 109 -27.63 4.58 -9.54
C HIS C 109 -28.35 3.43 -10.24
N GLY C 110 -27.75 2.24 -10.20
CA GLY C 110 -28.34 1.08 -10.83
C GLY C 110 -28.52 1.15 -12.35
N ASP C 111 -29.42 2.01 -12.79
CA ASP C 111 -29.71 2.17 -14.20
C ASP C 111 -28.97 3.35 -14.79
N LYS C 112 -28.21 4.04 -13.95
CA LYS C 112 -27.42 5.19 -14.39
C LYS C 112 -26.15 5.36 -13.57
N TYR C 113 -25.22 6.16 -14.10
CA TYR C 113 -23.96 6.46 -13.45
C TYR C 113 -23.87 7.97 -13.32
N GLN C 114 -23.80 8.48 -12.09
CA GLN C 114 -23.70 9.92 -11.90
C GLN C 114 -22.24 10.28 -11.74
N VAL C 115 -21.72 11.16 -12.58
CA VAL C 115 -20.32 11.50 -12.46
C VAL C 115 -20.15 12.89 -11.88
N VAL C 116 -19.37 12.98 -10.80
CA VAL C 116 -19.12 14.25 -10.14
C VAL C 116 -17.64 14.63 -10.10
N ILE C 117 -17.33 15.85 -10.54
CA ILE C 117 -15.96 16.34 -10.50
C ILE C 117 -15.90 17.31 -9.33
N ASN C 118 -15.29 16.86 -8.23
CA ASN C 118 -15.20 17.67 -7.02
C ASN C 118 -16.63 17.74 -6.47
N GLU C 119 -17.29 18.90 -6.59
CA GLU C 119 -18.65 19.04 -6.09
C GLU C 119 -19.65 19.26 -7.23
N LYS C 120 -19.13 19.49 -8.42
CA LYS C 120 -19.98 19.71 -9.57
C LYS C 120 -20.36 18.42 -10.33
N THR C 121 -21.66 18.17 -10.51
CA THR C 121 -22.12 16.99 -11.27
C THR C 121 -21.93 17.36 -12.74
N VAL C 122 -21.31 16.48 -13.52
CA VAL C 122 -21.11 16.78 -14.93
C VAL C 122 -22.05 16.05 -15.90
N ILE C 123 -22.56 14.90 -15.49
CA ILE C 123 -23.46 14.13 -16.33
C ILE C 123 -24.17 13.03 -15.58
N GLN C 124 -25.37 12.69 -16.03
CA GLN C 124 -26.14 11.61 -15.40
C GLN C 124 -26.14 10.37 -16.31
N TYR C 125 -25.02 10.11 -16.97
CA TYR C 125 -24.86 8.97 -17.88
C TYR C 125 -25.84 7.82 -17.70
N THR C 126 -26.43 7.38 -18.81
CA THR C 126 -27.37 6.25 -18.79
C THR C 126 -26.59 5.00 -19.21
N LYS C 127 -26.65 3.97 -18.38
CA LYS C 127 -25.93 2.74 -18.64
C LYS C 127 -26.29 2.05 -19.95
N GLN C 128 -25.32 1.96 -20.87
CA GLN C 128 -25.55 1.29 -22.14
C GLN C 128 -25.37 -0.19 -21.89
N ILE C 129 -24.55 -0.52 -20.90
CA ILE C 129 -24.28 -1.90 -20.51
C ILE C 129 -24.49 -1.94 -19.00
N SER C 130 -25.06 -3.04 -18.50
CA SER C 130 -25.29 -3.14 -17.07
C SER C 130 -24.41 -4.21 -16.44
N GLY C 131 -24.36 -4.20 -15.12
CA GLY C 131 -23.57 -5.18 -14.42
C GLY C 131 -22.83 -4.55 -13.26
N THR C 132 -22.06 -5.37 -12.56
CA THR C 132 -21.31 -4.89 -11.43
C THR C 132 -19.86 -4.63 -11.84
N THR C 133 -19.28 -3.56 -11.31
CA THR C 133 -17.89 -3.21 -11.57
C THR C 133 -17.01 -4.10 -10.70
N SER C 134 -16.08 -4.81 -11.32
CA SER C 134 -15.21 -5.70 -10.58
C SER C 134 -13.77 -5.25 -10.69
N SER C 135 -13.51 -4.25 -11.55
CA SER C 135 -12.15 -3.73 -11.71
C SER C 135 -12.13 -2.34 -12.33
N LEU C 136 -11.03 -1.60 -12.10
CA LEU C 136 -10.89 -0.23 -12.62
C LEU C 136 -9.51 -0.05 -13.21
N SER C 137 -9.45 0.77 -14.26
CA SER C 137 -8.19 1.05 -14.93
C SER C 137 -7.96 2.54 -15.07
N TYR C 138 -6.70 2.94 -15.01
CA TYR C 138 -6.31 4.32 -15.17
C TYR C 138 -5.28 4.33 -16.30
N ASN C 139 -5.73 4.70 -17.50
CA ASN C 139 -4.84 4.73 -18.67
C ASN C 139 -4.45 6.17 -18.96
N SER C 140 -3.27 6.35 -19.52
CA SER C 140 -2.81 7.68 -19.85
C SER C 140 -2.04 7.71 -21.14
N THR C 141 -1.87 8.90 -21.67
CA THR C 141 -1.07 9.09 -22.86
C THR C 141 0.28 9.55 -22.30
N GLU C 142 1.32 8.82 -22.68
CA GLU C 142 2.68 9.11 -22.23
C GLU C 142 2.94 10.56 -21.86
N GLY C 143 3.25 10.78 -20.58
CA GLY C 143 3.57 12.12 -20.07
C GLY C 143 2.61 13.28 -20.23
N THR C 144 1.38 13.04 -20.65
CA THR C 144 0.44 14.14 -20.81
C THR C 144 -0.87 13.90 -20.04
N SER C 145 -0.78 13.23 -18.90
CA SER C 145 -1.97 12.96 -18.10
C SER C 145 -2.30 14.20 -17.28
N ILE C 146 -3.59 14.41 -17.02
CA ILE C 146 -4.02 15.56 -16.24
C ILE C 146 -4.02 15.23 -14.75
N PHE C 147 -3.77 13.96 -14.45
CA PHE C 147 -3.72 13.50 -13.06
C PHE C 147 -2.33 13.01 -12.69
N SER C 148 -2.11 12.84 -11.40
CA SER C 148 -0.84 12.35 -10.87
C SER C 148 -0.57 10.95 -11.44
N THR C 149 0.69 10.51 -11.41
CA THR C 149 1.01 9.19 -11.93
C THR C 149 0.29 8.12 -11.14
N VAL C 150 -0.04 8.40 -9.90
CA VAL C 150 -0.76 7.45 -9.08
C VAL C 150 -2.06 8.10 -8.68
N VAL C 151 -3.17 7.38 -8.83
CA VAL C 151 -4.47 7.91 -8.45
C VAL C 151 -5.01 7.02 -7.34
N GLU C 152 -5.52 7.61 -6.27
CA GLU C 152 -6.07 6.81 -5.17
C GLU C 152 -7.55 6.59 -5.40
N ALA C 153 -8.01 5.37 -5.17
CA ALA C 153 -9.41 5.07 -5.34
C ALA C 153 -10.02 4.51 -4.08
N VAL C 154 -11.13 5.10 -3.67
CA VAL C 154 -11.85 4.66 -2.49
C VAL C 154 -13.22 4.21 -2.97
N THR C 155 -13.61 3.00 -2.59
CA THR C 155 -14.92 2.50 -2.96
C THR C 155 -15.71 2.37 -1.67
N TYR C 156 -17.00 2.68 -1.75
CA TYR C 156 -17.91 2.56 -0.62
C TYR C 156 -18.98 1.59 -1.13
N THR C 157 -18.97 0.35 -0.63
CA THR C 157 -19.95 -0.64 -1.07
C THR C 157 -20.78 -1.22 0.08
N GLY C 158 -21.89 -1.86 -0.28
CA GLY C 158 -22.76 -2.47 0.71
C GLY C 158 -23.75 -1.46 1.23
N LEU C 159 -23.91 -0.35 0.51
CA LEU C 159 -24.83 0.68 0.92
C LEU C 159 -26.28 0.19 0.87
N ALA C 160 -26.89 0.23 -0.31
CA ALA C 160 -28.27 -0.21 -0.44
C ALA C 160 -28.43 -1.70 -0.12
N THR D 1 31.31 -9.35 -5.61
CA THR D 1 31.10 -9.27 -7.09
C THR D 1 30.49 -10.57 -7.60
N THR D 2 30.02 -11.39 -6.66
CA THR D 2 29.40 -12.68 -6.98
C THR D 2 28.58 -13.13 -5.76
N SER D 3 27.61 -12.29 -5.39
CA SER D 3 26.72 -12.51 -4.26
C SER D 3 25.83 -13.73 -4.39
N ALA D 4 25.13 -14.07 -3.31
CA ALA D 4 24.25 -15.24 -3.32
C ALA D 4 22.96 -15.04 -2.53
N VAL D 5 21.88 -15.60 -3.05
CA VAL D 5 20.58 -15.53 -2.42
C VAL D 5 20.21 -16.90 -1.86
N ASN D 6 19.84 -16.95 -0.59
CA ASN D 6 19.45 -18.20 0.02
C ASN D 6 18.09 -18.02 0.67
N ILE D 7 17.24 -19.00 0.46
CA ILE D 7 15.89 -18.96 0.99
C ILE D 7 15.67 -20.09 1.97
N TYR D 8 15.11 -19.76 3.13
CA TYR D 8 14.83 -20.76 4.15
C TYR D 8 13.43 -20.62 4.71
N ASN D 9 12.78 -21.75 4.98
CA ASN D 9 11.47 -21.71 5.61
C ASN D 9 11.70 -22.08 7.07
N ILE D 10 11.35 -21.20 7.98
CA ILE D 10 11.56 -21.48 9.38
C ILE D 10 10.28 -21.67 10.16
N SER D 11 10.05 -22.89 10.64
CA SER D 11 8.86 -23.15 11.43
C SER D 11 9.11 -22.70 12.87
N ALA D 12 8.07 -22.18 13.50
CA ALA D 12 8.15 -21.72 14.87
C ALA D 12 8.76 -22.86 15.72
N GLY D 13 9.68 -22.50 16.59
CA GLY D 13 10.33 -23.48 17.44
C GLY D 13 11.54 -24.08 16.76
N ALA D 14 11.77 -23.74 15.50
CA ALA D 14 12.89 -24.31 14.79
C ALA D 14 14.13 -23.42 14.66
N SER D 15 15.20 -24.05 14.22
CA SER D 15 16.46 -23.38 14.04
C SER D 15 17.04 -23.95 12.76
N VAL D 16 17.50 -23.11 11.85
CA VAL D 16 18.06 -23.62 10.60
C VAL D 16 19.52 -23.20 10.44
N ASP D 17 20.32 -24.09 9.85
CA ASP D 17 21.73 -23.79 9.62
C ASP D 17 21.84 -23.17 8.23
N LEU D 18 22.36 -21.95 8.17
CA LEU D 18 22.52 -21.26 6.93
C LEU D 18 23.54 -21.96 6.03
N ALA D 19 23.21 -22.11 4.76
CA ALA D 19 24.12 -22.76 3.82
C ALA D 19 25.29 -21.84 3.53
N ALA D 20 25.11 -20.56 3.85
CA ALA D 20 26.14 -19.54 3.66
C ALA D 20 26.02 -18.64 4.87
N PRO D 21 27.13 -18.43 5.60
CA PRO D 21 27.06 -17.56 6.77
C PRO D 21 26.86 -16.10 6.45
N VAL D 22 26.17 -15.39 7.33
CA VAL D 22 25.89 -13.97 7.19
C VAL D 22 26.97 -13.19 7.93
N THR D 23 27.76 -12.41 7.19
CA THR D 23 28.81 -11.62 7.80
C THR D 23 28.62 -10.13 7.56
N THR D 24 29.63 -9.35 7.90
CA THR D 24 29.58 -7.90 7.74
C THR D 24 29.22 -7.48 6.32
N GLY D 25 28.17 -6.66 6.21
CA GLY D 25 27.73 -6.20 4.92
C GLY D 25 26.64 -7.04 4.28
N ASP D 26 26.37 -8.21 4.86
CA ASP D 26 25.33 -9.07 4.32
C ASP D 26 23.98 -8.70 4.91
N ILE D 27 22.91 -9.24 4.33
CA ILE D 27 21.57 -8.92 4.79
C ILE D 27 20.74 -10.16 5.09
N VAL D 28 19.77 -10.00 5.98
CA VAL D 28 18.87 -11.07 6.35
C VAL D 28 17.47 -10.48 6.52
N THR D 29 16.50 -11.01 5.79
CA THR D 29 15.14 -10.52 5.92
C THR D 29 14.22 -11.66 6.33
N PHE D 30 13.31 -11.33 7.24
CA PHE D 30 12.35 -12.30 7.73
C PHE D 30 11.00 -11.89 7.17
N PHE D 31 10.31 -12.85 6.56
CA PHE D 31 9.01 -12.55 6.00
C PHE D 31 7.93 -13.28 6.77
N SER D 32 6.93 -12.53 7.22
CA SER D 32 5.80 -13.12 7.93
C SER D 32 4.56 -12.84 7.08
N SER D 33 3.74 -13.86 6.86
CA SER D 33 2.53 -13.70 6.05
C SER D 33 1.32 -13.43 6.93
N ALA D 34 1.57 -13.04 8.18
CA ALA D 34 0.48 -12.73 9.11
C ALA D 34 1.00 -11.79 10.17
N LEU D 35 0.10 -11.03 10.78
CA LEU D 35 0.46 -10.11 11.83
C LEU D 35 -0.69 -10.10 12.82
N ASN D 36 -0.40 -10.47 14.06
CA ASN D 36 -1.42 -10.55 15.11
C ASN D 36 -1.03 -9.71 16.30
N LEU D 37 -1.44 -8.45 16.31
CA LEU D 37 -1.12 -7.54 17.41
C LEU D 37 -1.98 -7.71 18.66
N SER D 38 -3.04 -8.50 18.56
CA SER D 38 -3.92 -8.78 19.69
C SER D 38 -3.98 -10.29 19.86
N ALA D 39 -2.80 -10.92 19.87
CA ALA D 39 -2.67 -12.36 19.99
C ALA D 39 -2.77 -12.87 21.42
N GLY D 40 -2.00 -12.26 22.32
CA GLY D 40 -2.02 -12.69 23.71
C GLY D 40 -0.72 -12.36 24.41
N ALA D 41 -0.45 -13.04 25.53
CA ALA D 41 0.75 -12.83 26.30
C ALA D 41 1.88 -13.79 25.96
N GLY D 42 3.11 -13.29 26.03
CA GLY D 42 4.29 -14.09 25.76
C GLY D 42 4.94 -14.50 27.08
N SER D 43 5.57 -15.67 27.10
CA SER D 43 6.19 -16.16 28.32
C SER D 43 7.71 -16.03 28.37
N PRO D 44 8.23 -14.81 28.31
CA PRO D 44 7.55 -13.51 28.18
C PRO D 44 7.42 -13.08 26.71
N ASN D 45 8.20 -13.71 25.84
CA ASN D 45 8.24 -13.39 24.41
C ASN D 45 7.14 -14.04 23.57
N ASN D 46 6.42 -13.24 22.81
CA ASN D 46 5.38 -13.77 21.94
C ASN D 46 6.08 -14.35 20.71
N THR D 47 7.13 -13.64 20.28
CA THR D 47 7.90 -14.02 19.11
C THR D 47 9.34 -13.59 19.24
N ALA D 48 10.25 -14.49 18.88
CA ALA D 48 11.68 -14.19 18.93
C ALA D 48 12.39 -14.67 17.68
N LEU D 49 13.25 -13.81 17.16
CA LEU D 49 14.06 -14.13 15.99
C LEU D 49 15.48 -13.98 16.50
N ASN D 50 16.32 -14.99 16.27
CA ASN D 50 17.69 -14.96 16.74
C ASN D 50 18.73 -15.27 15.67
N LEU D 51 19.81 -14.50 15.69
CA LEU D 51 20.93 -14.72 14.79
C LEU D 51 21.97 -15.35 15.73
N LEU D 52 22.40 -16.57 15.44
CA LEU D 52 23.33 -17.29 16.30
C LEU D 52 24.67 -17.60 15.67
N SER D 53 25.74 -17.57 16.49
CA SER D 53 27.09 -17.87 16.01
C SER D 53 27.29 -19.38 15.97
N GLU D 54 28.40 -19.80 15.40
CA GLU D 54 28.68 -21.22 15.28
C GLU D 54 28.97 -21.85 16.63
N ASN D 55 29.10 -21.01 17.64
CA ASN D 55 29.37 -21.44 19.01
C ASN D 55 28.09 -21.50 19.81
N GLY D 56 26.99 -21.11 19.20
CA GLY D 56 25.72 -21.11 19.90
C GLY D 56 25.44 -19.78 20.55
N ALA D 57 26.34 -18.83 20.35
CA ALA D 57 26.13 -17.50 20.93
C ALA D 57 24.94 -16.82 20.25
N TYR D 58 24.24 -15.98 21.01
CA TYR D 58 23.12 -15.25 20.46
C TYR D 58 23.60 -13.89 19.97
N LEU D 59 24.13 -13.86 18.75
CA LEU D 59 24.59 -12.62 18.15
C LEU D 59 23.52 -11.58 18.35
N LEU D 60 22.31 -11.89 17.90
CA LEU D 60 21.21 -10.96 18.07
C LEU D 60 19.93 -11.69 18.43
N HIS D 61 19.30 -11.21 19.49
CA HIS D 61 18.04 -11.77 19.98
C HIS D 61 17.03 -10.65 19.79
N ILE D 62 15.92 -10.94 19.10
CA ILE D 62 14.86 -9.96 18.88
C ILE D 62 13.59 -10.55 19.46
N ALA D 63 12.99 -9.86 20.43
CA ALA D 63 11.79 -10.37 21.08
C ALA D 63 10.63 -9.39 21.17
N PHE D 64 9.48 -9.81 20.69
CA PHE D 64 8.30 -8.97 20.70
C PHE D 64 7.44 -9.42 21.87
N ARG D 65 7.13 -8.49 22.76
CA ARG D 65 6.35 -8.77 23.95
C ARG D 65 5.09 -7.90 23.95
N LEU D 66 3.98 -8.49 23.52
CA LEU D 66 2.70 -7.78 23.47
C LEU D 66 2.24 -7.26 24.84
N GLN D 67 2.19 -8.13 25.84
CA GLN D 67 1.75 -7.74 27.17
C GLN D 67 2.63 -6.63 27.77
N GLU D 68 3.93 -6.64 27.46
CA GLU D 68 4.83 -5.61 27.96
C GLU D 68 4.93 -4.51 26.91
N ASN D 69 4.18 -4.69 25.82
CA ASN D 69 4.14 -3.73 24.72
C ASN D 69 5.53 -3.19 24.41
N VAL D 70 6.47 -4.09 24.15
CA VAL D 70 7.83 -3.70 23.83
C VAL D 70 8.55 -4.72 22.94
N ILE D 71 9.71 -4.32 22.44
CA ILE D 71 10.55 -5.15 21.61
C ILE D 71 11.92 -5.10 22.27
N VAL D 72 12.54 -6.27 22.49
CA VAL D 72 13.84 -6.32 23.11
C VAL D 72 14.95 -6.80 22.19
N PHE D 73 16.11 -6.18 22.32
CA PHE D 73 17.28 -6.56 21.54
C PHE D 73 18.39 -6.84 22.55
N ASN D 74 18.95 -8.05 22.50
CA ASN D 74 20.01 -8.43 23.42
C ASN D 74 20.94 -9.44 22.75
N SER D 75 21.88 -9.95 23.54
CA SER D 75 22.85 -10.93 23.06
C SER D 75 23.40 -11.68 24.26
N ARG D 76 24.10 -12.79 24.00
CA ARG D 76 24.68 -13.59 25.07
C ARG D 76 25.45 -14.79 24.57
N GLN D 77 26.55 -15.10 25.23
CA GLN D 77 27.37 -16.25 24.90
C GLN D 77 26.64 -17.49 25.38
N PRO D 78 26.98 -18.67 24.82
CA PRO D 78 26.32 -19.90 25.23
C PRO D 78 26.49 -20.13 26.74
N ASN D 79 25.47 -20.71 27.36
CA ASN D 79 25.52 -21.00 28.79
C ASN D 79 26.17 -19.87 29.57
N ALA D 80 25.66 -18.67 29.37
CA ALA D 80 26.13 -17.46 30.05
C ALA D 80 24.88 -16.63 30.24
N PRO D 81 24.94 -15.61 31.11
CA PRO D 81 23.76 -14.78 31.34
C PRO D 81 23.44 -13.79 30.21
N TRP D 82 22.20 -13.30 30.18
CA TRP D 82 21.78 -12.31 29.19
C TRP D 82 22.54 -11.02 29.46
N LEU D 83 22.86 -10.26 28.41
CA LEU D 83 23.61 -9.03 28.56
C LEU D 83 22.78 -7.75 28.62
N VAL D 84 23.39 -6.63 28.22
CA VAL D 84 22.73 -5.34 28.24
C VAL D 84 21.60 -5.33 27.22
N GLU D 85 20.36 -5.21 27.68
CA GLU D 85 19.26 -5.26 26.73
C GLU D 85 18.58 -3.95 26.34
N GLN D 86 18.71 -3.61 25.06
CA GLN D 86 18.09 -2.41 24.52
C GLN D 86 16.61 -2.73 24.33
N ARG D 87 15.80 -1.72 24.11
CA ARG D 87 14.37 -1.94 23.90
C ARG D 87 13.70 -0.80 23.16
N VAL D 88 12.68 -1.15 22.38
CA VAL D 88 11.92 -0.16 21.62
C VAL D 88 10.46 -0.26 22.05
N SER D 89 9.92 0.86 22.52
CA SER D 89 8.55 0.92 23.01
C SER D 89 7.49 0.93 21.91
N ASN D 90 6.37 0.28 22.20
CA ASN D 90 5.25 0.22 21.30
C ASN D 90 5.47 -0.63 20.06
N VAL D 91 4.95 -1.85 20.11
CA VAL D 91 5.06 -2.81 19.01
C VAL D 91 4.28 -2.30 17.79
N ALA D 92 2.96 -2.21 17.93
CA ALA D 92 2.09 -1.78 16.85
C ALA D 92 2.60 -0.57 16.05
N ASN D 93 3.23 0.39 16.72
CA ASN D 93 3.72 1.56 16.00
C ASN D 93 4.76 1.23 14.95
N GLN D 94 5.46 0.12 15.13
CA GLN D 94 6.50 -0.23 14.16
C GLN D 94 5.91 -0.94 12.93
N PHE D 95 4.74 -1.55 13.12
CA PHE D 95 4.08 -2.28 12.05
C PHE D 95 3.04 -1.45 11.31
N ILE D 96 2.99 -0.15 11.59
CA ILE D 96 2.05 0.71 10.91
C ILE D 96 2.45 0.73 9.44
N GLY D 97 1.53 0.34 8.57
CA GLY D 97 1.83 0.28 7.15
C GLY D 97 2.10 -1.17 6.81
N SER D 98 1.45 -2.08 7.54
CA SER D 98 1.61 -3.51 7.31
C SER D 98 0.45 -4.06 6.52
N GLY D 99 -0.61 -4.45 7.22
CA GLY D 99 -1.77 -5.01 6.53
C GLY D 99 -1.72 -6.51 6.34
N GLY D 100 -1.73 -7.26 7.44
CA GLY D 100 -1.70 -8.72 7.38
C GLY D 100 -0.37 -9.39 7.08
N LYS D 101 0.72 -8.63 7.05
CA LYS D 101 2.03 -9.22 6.77
C LYS D 101 3.16 -8.30 7.21
N ALA D 102 4.28 -8.91 7.60
CA ALA D 102 5.40 -8.11 8.06
C ALA D 102 6.75 -8.55 7.53
N MET D 103 7.67 -7.62 7.49
CA MET D 103 9.02 -7.86 7.02
C MET D 103 9.98 -7.29 8.05
N VAL D 104 10.93 -8.09 8.52
CA VAL D 104 11.93 -7.63 9.47
C VAL D 104 13.27 -7.79 8.74
N THR D 105 14.06 -6.74 8.70
CA THR D 105 15.34 -6.83 8.02
C THR D 105 16.48 -6.52 8.95
N VAL D 106 17.55 -7.30 8.84
CA VAL D 106 18.73 -7.10 9.65
C VAL D 106 19.94 -6.87 8.76
N PHE D 107 20.53 -5.68 8.91
CA PHE D 107 21.72 -5.33 8.16
C PHE D 107 22.91 -5.55 9.10
N ASP D 108 23.91 -6.29 8.64
CA ASP D 108 25.08 -6.52 9.47
C ASP D 108 26.15 -5.52 9.05
N HIS D 109 26.17 -4.40 9.75
CA HIS D 109 27.14 -3.36 9.48
C HIS D 109 28.46 -3.64 10.20
N GLY D 110 28.84 -4.91 10.26
CA GLY D 110 30.08 -5.31 10.90
C GLY D 110 30.15 -5.09 12.41
N ASP D 111 30.13 -3.83 12.81
CA ASP D 111 30.20 -3.48 14.22
C ASP D 111 28.83 -3.16 14.80
N LYS D 112 27.80 -3.26 13.97
CA LYS D 112 26.43 -3.02 14.42
C LYS D 112 25.42 -3.83 13.59
N TYR D 113 24.19 -3.89 14.07
CA TYR D 113 23.10 -4.58 13.40
C TYR D 113 21.97 -3.57 13.27
N GLN D 114 21.61 -3.22 12.03
CA GLN D 114 20.52 -2.28 11.83
C GLN D 114 19.24 -3.11 11.61
N VAL D 115 18.24 -2.86 12.44
CA VAL D 115 17.02 -3.61 12.32
C VAL D 115 15.91 -2.76 11.75
N VAL D 116 15.30 -3.25 10.67
CA VAL D 116 14.22 -2.54 10.00
C VAL D 116 12.91 -3.31 9.99
N ILE D 117 11.82 -2.65 10.38
CA ILE D 117 10.51 -3.29 10.37
C ILE D 117 9.75 -2.71 9.18
N ASN D 118 9.72 -3.46 8.07
CA ASN D 118 9.07 -3.00 6.84
C ASN D 118 10.00 -1.96 6.21
N GLU D 119 9.70 -0.67 6.39
CA GLU D 119 10.54 0.37 5.83
C GLU D 119 11.10 1.27 6.95
N LYS D 120 10.60 1.06 8.16
CA LYS D 120 11.02 1.86 9.29
C LYS D 120 12.18 1.25 10.10
N THR D 121 13.27 1.98 10.25
CA THR D 121 14.40 1.51 11.04
C THR D 121 14.00 1.69 12.51
N VAL D 122 14.16 0.64 13.31
CA VAL D 122 13.77 0.73 14.72
C VAL D 122 14.95 0.88 15.68
N ILE D 123 16.13 0.42 15.29
CA ILE D 123 17.30 0.53 16.16
C ILE D 123 18.58 0.25 15.41
N GLN D 124 19.68 0.85 15.88
CA GLN D 124 20.98 0.63 15.27
C GLN D 124 21.86 -0.18 16.23
N TYR D 125 21.26 -1.20 16.85
CA TYR D 125 21.95 -2.08 17.80
C TYR D 125 23.47 -2.20 17.62
N THR D 126 24.20 -2.04 18.72
CA THR D 126 25.66 -2.16 18.72
C THR D 126 25.99 -3.60 19.17
N LYS D 127 26.77 -4.30 18.37
CA LYS D 127 27.14 -5.68 18.68
C LYS D 127 27.87 -5.85 19.99
N GLN D 128 27.25 -6.58 20.93
CA GLN D 128 27.87 -6.86 22.21
C GLN D 128 28.82 -8.04 22.02
N ILE D 129 28.50 -8.88 21.03
CA ILE D 129 29.31 -10.03 20.70
C ILE D 129 29.49 -9.93 19.20
N SER D 130 30.65 -10.35 18.70
CA SER D 130 30.90 -10.28 17.26
C SER D 130 31.05 -11.67 16.65
N GLY D 131 31.04 -11.70 15.32
CA GLY D 131 31.17 -12.98 14.65
C GLY D 131 30.22 -13.05 13.48
N THR D 132 30.24 -14.19 12.81
CA THR D 132 29.40 -14.42 11.66
C THR D 132 28.21 -15.26 12.09
N THR D 133 27.06 -14.97 11.48
CA THR D 133 25.82 -15.70 11.78
C THR D 133 25.83 -16.96 10.93
N SER D 134 25.70 -18.10 11.58
CA SER D 134 25.70 -19.36 10.87
C SER D 134 24.36 -20.08 10.99
N SER D 135 23.48 -19.57 11.83
CA SER D 135 22.15 -20.16 12.02
C SER D 135 21.15 -19.16 12.63
N LEU D 136 19.85 -19.41 12.39
CA LEU D 136 18.75 -18.54 12.87
C LEU D 136 17.63 -19.36 13.49
N SER D 137 16.95 -18.77 14.46
CA SER D 137 15.87 -19.46 15.13
C SER D 137 14.64 -18.58 15.24
N TYR D 138 13.49 -19.23 15.23
CA TYR D 138 12.23 -18.54 15.35
C TYR D 138 11.53 -19.27 16.47
N ASN D 139 11.53 -18.66 17.65
CA ASN D 139 10.91 -19.24 18.82
C ASN D 139 9.64 -18.46 19.10
N SER D 140 8.63 -19.14 19.62
CA SER D 140 7.38 -18.49 19.93
C SER D 140 6.77 -19.04 21.21
N THR D 141 5.85 -18.28 21.77
CA THR D 141 5.13 -18.73 22.95
C THR D 141 3.86 -19.36 22.40
N GLU D 142 3.64 -20.61 22.78
CA GLU D 142 2.49 -21.40 22.36
C GLU D 142 1.26 -20.60 21.95
N GLY D 143 0.92 -20.66 20.66
CA GLY D 143 -0.25 -19.98 20.13
C GLY D 143 -0.44 -18.48 20.27
N THR D 144 0.59 -17.75 20.66
CA THR D 144 0.45 -16.30 20.81
C THR D 144 1.52 -15.54 20.02
N SER D 145 2.01 -16.14 18.95
CA SER D 145 3.03 -15.49 18.13
C SER D 145 2.38 -14.41 17.30
N ILE D 146 3.15 -13.37 16.99
CA ILE D 146 2.64 -12.26 16.19
C ILE D 146 2.87 -12.54 14.70
N PHE D 147 3.63 -13.58 14.40
CA PHE D 147 3.92 -13.95 13.03
C PHE D 147 3.32 -15.31 12.72
N SER D 148 3.27 -15.64 11.42
CA SER D 148 2.74 -16.92 10.96
C SER D 148 3.54 -18.06 11.59
N THR D 149 3.03 -19.28 11.50
CA THR D 149 3.72 -20.42 12.07
C THR D 149 4.99 -20.66 11.29
N VAL D 150 4.99 -20.28 10.02
CA VAL D 150 6.18 -20.44 9.20
C VAL D 150 6.62 -19.06 8.74
N VAL D 151 7.90 -18.75 8.95
CA VAL D 151 8.44 -17.46 8.54
C VAL D 151 9.52 -17.70 7.50
N GLU D 152 9.41 -17.03 6.36
CA GLU D 152 10.41 -17.18 5.32
C GLU D 152 11.62 -16.29 5.60
N ALA D 153 12.80 -16.78 5.25
CA ALA D 153 14.00 -16.00 5.44
C ALA D 153 14.83 -16.01 4.19
N VAL D 154 15.20 -14.83 3.74
CA VAL D 154 16.03 -14.67 2.57
C VAL D 154 17.30 -13.98 3.05
N THR D 155 18.45 -14.55 2.70
CA THR D 155 19.73 -13.97 3.08
C THR D 155 20.45 -13.56 1.81
N TYR D 156 21.07 -12.38 1.87
CA TYR D 156 21.83 -11.84 0.76
C TYR D 156 23.27 -11.73 1.28
N THR D 157 24.14 -12.65 0.85
CA THR D 157 25.53 -12.65 1.29
C THR D 157 26.52 -12.51 0.14
N GLY D 158 27.74 -12.09 0.47
CA GLY D 158 28.77 -11.92 -0.53
C GLY D 158 28.77 -10.50 -1.07
N LEU D 159 28.07 -9.61 -0.38
CA LEU D 159 27.99 -8.23 -0.81
C LEU D 159 29.36 -7.57 -0.78
N ALA D 160 29.76 -7.04 0.38
CA ALA D 160 31.06 -6.38 0.51
C ALA D 160 32.20 -7.35 0.22
#